data_1CWE
#
_entry.id   1CWE
#
_cell.length_a   35.170
_cell.length_b   41.840
_cell.length_c   45.520
_cell.angle_alpha   68.71
_cell.angle_beta   82.94
_cell.angle_gamma   87.36
#
_symmetry.space_group_name_H-M   'P 1'
#
loop_
_entity.id
_entity.type
_entity.pdbx_description
1 polymer 'P56LCK TYROSINE KINASE'
2 polymer 'PHOSPHOPEPTIDE ACQ-PMP-GLU-GLU-ILE-PRO'
3 water water
#
loop_
_entity_poly.entity_id
_entity_poly.type
_entity_poly.pdbx_seq_one_letter_code
_entity_poly.pdbx_strand_id
1 'polypeptide(L)'
;GSWFFKNLSRKDAERQLLAPGNTHGSFLIRESESTAGSFSLSVRDFDQNQGEVVKHYKIRNLDNGGFYISPRITFPGLHE
LVRHYTNASDGLCTRLSR
;
A,C
2 'polypeptide(L)' (ACE)Q(PM3)EEIP B,D
#
loop_
_chem_comp.id
_chem_comp.type
_chem_comp.name
_chem_comp.formula
ACE non-polymer 'ACETYL GROUP' 'C2 H4 O'
#
# COMPACT_ATOMS: atom_id res chain seq x y z
N GLY A 1 4.81 5.54 -20.53
CA GLY A 1 4.70 4.49 -21.54
C GLY A 1 5.31 3.15 -21.15
N SER A 2 6.07 3.17 -20.05
CA SER A 2 6.74 2.00 -19.50
C SER A 2 7.29 2.45 -18.13
N TRP A 3 7.95 3.61 -18.12
CA TRP A 3 8.46 4.14 -16.86
C TRP A 3 7.86 5.46 -16.46
N PHE A 4 7.21 6.17 -17.37
CA PHE A 4 6.61 7.45 -17.05
C PHE A 4 5.08 7.34 -17.00
N PHE A 5 4.51 7.83 -15.90
CA PHE A 5 3.07 7.79 -15.65
C PHE A 5 2.55 9.13 -15.12
N LYS A 6 1.60 9.72 -15.82
CA LYS A 6 1.03 11.00 -15.36
C LYS A 6 -0.12 10.66 -14.42
N ASN A 7 -0.37 11.53 -13.46
CA ASN A 7 -1.46 11.30 -12.55
C ASN A 7 -1.35 9.91 -11.87
N LEU A 8 -0.17 9.58 -11.34
CA LEU A 8 -0.02 8.31 -10.63
C LEU A 8 0.34 8.77 -9.26
N SER A 9 -0.51 8.45 -8.30
CA SER A 9 -0.23 8.87 -6.93
C SER A 9 0.70 7.86 -6.24
N ARG A 10 1.17 8.23 -5.06
CA ARG A 10 2.07 7.38 -4.29
C ARG A 10 1.49 6.00 -4.12
N LYS A 11 0.30 5.93 -3.55
CA LYS A 11 -0.31 4.64 -3.29
C LYS A 11 -0.54 3.82 -4.51
N ASP A 12 -0.74 4.47 -5.66
CA ASP A 12 -0.97 3.71 -6.89
C ASP A 12 0.33 3.28 -7.52
N ALA A 13 1.39 4.02 -7.19
CA ALA A 13 2.73 3.67 -7.65
C ALA A 13 3.15 2.44 -6.82
N GLU A 14 2.83 2.49 -5.52
CA GLU A 14 3.14 1.40 -4.61
C GLU A 14 2.49 0.08 -4.99
N ARG A 15 1.21 0.09 -5.34
CA ARG A 15 0.54 -1.16 -5.72
C ARG A 15 1.10 -1.65 -7.02
N GLN A 16 1.51 -0.71 -7.84
CA GLN A 16 2.05 -1.05 -9.14
C GLN A 16 3.41 -1.76 -9.07
N LEU A 17 4.35 -1.17 -8.37
CA LEU A 17 5.69 -1.72 -8.20
C LEU A 17 5.73 -2.98 -7.34
N LEU A 18 4.88 -2.99 -6.30
CA LEU A 18 4.80 -4.12 -5.38
C LEU A 18 4.11 -5.35 -5.96
N ALA A 19 3.74 -5.27 -7.23
CA ALA A 19 3.06 -6.39 -7.85
C ALA A 19 4.08 -7.33 -8.44
N PRO A 20 3.77 -8.64 -8.44
CA PRO A 20 4.62 -9.70 -8.97
C PRO A 20 5.07 -9.34 -10.35
N GLY A 21 6.22 -9.85 -10.76
CA GLY A 21 6.71 -9.52 -12.07
C GLY A 21 7.73 -8.42 -11.97
N ASN A 22 7.71 -7.72 -10.84
CA ASN A 22 8.66 -6.67 -10.58
C ASN A 22 9.80 -7.19 -9.66
N THR A 23 10.99 -6.62 -9.80
CA THR A 23 12.12 -7.02 -9.00
C THR A 23 12.67 -5.76 -8.36
N HIS A 24 13.73 -5.91 -7.54
CA HIS A 24 14.39 -4.78 -6.87
C HIS A 24 14.94 -3.89 -7.97
N GLY A 25 14.85 -2.57 -7.80
CA GLY A 25 15.32 -1.73 -8.87
C GLY A 25 14.23 -1.40 -9.90
N SER A 26 13.08 -2.09 -9.86
CA SER A 26 11.95 -1.76 -10.73
C SER A 26 11.44 -0.37 -10.32
N PHE A 27 11.10 0.48 -11.27
CA PHE A 27 10.69 1.83 -10.89
C PHE A 27 9.74 2.52 -11.90
N LEU A 28 9.34 3.73 -11.55
CA LEU A 28 8.54 4.57 -12.44
C LEU A 28 8.62 5.99 -11.97
N ILE A 29 8.54 6.89 -12.94
CA ILE A 29 8.54 8.34 -12.66
C ILE A 29 7.08 8.74 -12.83
N ARG A 30 6.52 9.43 -11.86
CA ARG A 30 5.14 9.74 -11.93
C ARG A 30 4.93 11.23 -11.74
N GLU A 31 3.93 11.76 -12.44
CA GLU A 31 3.62 13.18 -12.32
C GLU A 31 2.36 13.35 -11.48
N SER A 32 2.40 14.29 -10.56
CA SER A 32 1.24 14.61 -9.74
C SER A 32 0.01 14.97 -10.63
N GLU A 33 -1.19 14.64 -10.19
CA GLU A 33 -2.36 14.98 -11.02
C GLU A 33 -2.85 16.40 -10.71
N SER A 34 -2.52 16.88 -9.52
CA SER A 34 -2.91 18.21 -9.04
C SER A 34 -1.83 19.30 -9.11
N THR A 35 -0.62 18.94 -9.59
CA THR A 35 0.53 19.84 -9.71
C THR A 35 1.36 19.39 -10.89
N ALA A 36 1.06 19.93 -12.08
CA ALA A 36 1.78 19.58 -13.30
C ALA A 36 3.22 20.06 -13.21
N GLY A 37 4.09 19.13 -13.56
CA GLY A 37 5.51 19.36 -13.54
C GLY A 37 6.08 18.93 -12.22
N SER A 38 5.33 18.17 -11.42
CA SER A 38 5.83 17.73 -10.14
C SER A 38 6.09 16.27 -10.27
N PHE A 39 7.36 15.89 -10.36
CA PHE A 39 7.73 14.49 -10.51
C PHE A 39 8.31 13.77 -9.28
N SER A 40 8.06 12.47 -9.24
CA SER A 40 8.55 11.62 -8.17
C SER A 40 9.03 10.33 -8.78
N LEU A 41 10.17 9.86 -8.30
CA LEU A 41 10.71 8.56 -8.75
C LEU A 41 10.27 7.52 -7.67
N SER A 42 9.66 6.42 -8.11
CA SER A 42 9.29 5.40 -7.15
C SER A 42 10.10 4.14 -7.46
N VAL A 43 10.86 3.68 -6.47
CA VAL A 43 11.72 2.49 -6.67
C VAL A 43 11.40 1.29 -5.77
N ARG A 44 11.32 0.12 -6.35
CA ARG A 44 11.11 -1.07 -5.54
C ARG A 44 12.44 -1.59 -4.99
N ASP A 45 12.49 -1.87 -3.69
CA ASP A 45 13.69 -2.38 -3.07
C ASP A 45 13.38 -3.23 -1.82
N PHE A 46 14.41 -3.84 -1.23
CA PHE A 46 14.27 -4.67 -0.04
C PHE A 46 14.74 -3.85 1.15
N ASP A 47 14.04 -3.94 2.27
CA ASP A 47 14.49 -3.23 3.44
C ASP A 47 14.63 -4.35 4.47
N GLN A 48 15.83 -4.50 5.04
CA GLN A 48 16.12 -5.54 6.04
C GLN A 48 15.10 -5.69 7.19
N ASN A 49 14.37 -4.63 7.52
CA ASN A 49 13.36 -4.71 8.55
C ASN A 49 11.96 -5.06 8.03
N GLN A 50 11.54 -4.37 6.98
CA GLN A 50 10.19 -4.49 6.42
C GLN A 50 9.94 -5.27 5.17
N GLY A 51 10.96 -5.85 4.57
CA GLY A 51 10.74 -6.62 3.36
C GLY A 51 10.63 -5.73 2.14
N GLU A 52 9.85 -6.18 1.15
CA GLU A 52 9.60 -5.46 -0.11
C GLU A 52 8.92 -4.16 0.18
N VAL A 53 9.68 -3.10 -0.12
CA VAL A 53 9.30 -1.72 0.01
C VAL A 53 9.43 -1.04 -1.35
N VAL A 54 8.92 0.19 -1.41
CA VAL A 54 8.96 1.06 -2.57
C VAL A 54 9.43 2.34 -1.92
N LYS A 55 10.55 2.85 -2.42
CA LYS A 55 11.11 4.09 -1.89
C LYS A 55 10.76 5.25 -2.81
N HIS A 56 10.49 6.40 -2.21
CA HIS A 56 10.10 7.57 -2.98
C HIS A 56 11.09 8.65 -2.93
N TYR A 57 11.49 9.08 -4.11
CA TYR A 57 12.44 10.17 -4.22
C TYR A 57 11.77 11.35 -4.93
N LYS A 58 11.95 12.53 -4.37
CA LYS A 58 11.40 13.76 -4.93
C LYS A 58 12.29 14.33 -6.05
N ILE A 59 11.80 14.41 -7.29
CA ILE A 59 12.59 15.01 -8.36
C ILE A 59 12.32 16.52 -8.29
N ARG A 60 13.36 17.32 -8.12
CA ARG A 60 13.23 18.78 -8.03
C ARG A 60 13.47 19.40 -9.37
N ASN A 61 13.01 20.65 -9.48
CA ASN A 61 13.11 21.39 -10.74
C ASN A 61 14.00 22.57 -10.60
N LEU A 62 14.75 22.81 -11.65
CA LEU A 62 15.67 23.94 -11.75
C LEU A 62 14.93 24.96 -12.60
N ASP A 63 15.19 26.24 -12.38
CA ASP A 63 14.50 27.26 -13.15
C ASP A 63 14.84 27.25 -14.64
N ASN A 64 15.89 26.52 -14.99
CA ASN A 64 16.35 26.35 -16.38
C ASN A 64 15.66 25.16 -17.04
N GLY A 65 14.75 24.51 -16.27
CA GLY A 65 14.02 23.35 -16.75
C GLY A 65 14.67 21.99 -16.43
N GLY A 66 15.79 22.04 -15.72
CA GLY A 66 16.50 20.83 -15.37
C GLY A 66 15.89 20.10 -14.19
N PHE A 67 16.36 18.89 -13.95
CA PHE A 67 15.85 18.12 -12.83
C PHE A 67 16.96 17.52 -12.01
N TYR A 68 16.71 17.26 -10.75
CA TYR A 68 17.72 16.62 -9.93
C TYR A 68 17.12 16.00 -8.67
N ILE A 69 17.68 14.87 -8.24
CA ILE A 69 17.24 14.22 -7.00
C ILE A 69 18.25 14.63 -5.92
N SER A 70 19.51 14.64 -6.32
CA SER A 70 20.61 15.08 -5.47
C SER A 70 21.22 16.34 -6.13
N PRO A 71 21.54 17.39 -5.37
CA PRO A 71 22.14 18.60 -5.99
C PRO A 71 23.53 18.38 -6.54
N ARG A 72 24.05 17.16 -6.40
CA ARG A 72 25.38 16.81 -6.86
C ARG A 72 25.35 16.52 -8.33
N ILE A 73 24.18 16.21 -8.85
CA ILE A 73 24.10 15.89 -10.27
C ILE A 73 22.67 16.23 -10.70
N THR A 74 22.62 17.09 -11.73
CA THR A 74 21.40 17.60 -12.30
C THR A 74 21.35 17.19 -13.75
N PHE A 75 20.13 17.08 -14.30
CA PHE A 75 19.91 16.62 -15.66
C PHE A 75 19.01 17.51 -16.52
N PRO A 76 19.28 17.52 -17.85
CA PRO A 76 18.46 18.34 -18.75
C PRO A 76 17.04 17.80 -18.85
N GLY A 77 16.87 16.49 -18.77
CA GLY A 77 15.55 15.92 -18.85
C GLY A 77 15.42 14.68 -17.98
N LEU A 78 14.25 14.05 -18.05
CA LEU A 78 13.96 12.84 -17.26
C LEU A 78 14.71 11.63 -17.77
N HIS A 79 14.87 11.52 -19.09
CA HIS A 79 15.56 10.40 -19.72
C HIS A 79 17.02 10.39 -19.25
N GLU A 80 17.61 11.55 -19.14
CA GLU A 80 18.98 11.66 -18.73
C GLU A 80 19.07 11.22 -17.28
N LEU A 81 18.08 11.63 -16.47
CA LEU A 81 18.04 11.26 -15.04
C LEU A 81 17.89 9.75 -14.86
N VAL A 82 17.08 9.13 -15.70
CA VAL A 82 16.81 7.70 -15.67
C VAL A 82 18.04 6.90 -16.16
N ARG A 83 18.74 7.41 -17.17
CA ARG A 83 19.91 6.72 -17.70
C ARG A 83 21.04 6.75 -16.67
N HIS A 84 21.18 7.86 -15.98
CA HIS A 84 22.19 7.99 -14.98
C HIS A 84 22.03 6.93 -13.89
N TYR A 85 20.90 6.96 -13.22
CA TYR A 85 20.64 6.02 -12.16
C TYR A 85 20.49 4.55 -12.56
N THR A 86 20.49 4.28 -13.85
CA THR A 86 20.39 2.93 -14.35
C THR A 86 21.81 2.37 -14.46
N ASN A 87 22.81 3.25 -14.43
CA ASN A 87 24.19 2.84 -14.57
C ASN A 87 24.96 2.98 -13.29
N ALA A 88 24.35 3.58 -12.29
CA ALA A 88 25.01 3.78 -11.00
C ALA A 88 23.92 4.20 -10.02
N SER A 89 23.92 3.62 -8.82
CA SER A 89 22.93 3.98 -7.80
C SER A 89 23.19 5.42 -7.35
N ASP A 90 24.47 5.76 -7.26
CA ASP A 90 24.87 7.12 -6.90
C ASP A 90 24.04 7.80 -5.82
N GLY A 91 23.87 7.16 -4.70
CA GLY A 91 23.11 7.78 -3.63
C GLY A 91 21.79 7.09 -3.41
N LEU A 92 21.20 6.60 -4.50
CA LEU A 92 19.92 5.90 -4.46
C LEU A 92 20.07 4.57 -3.66
N CYS A 93 18.95 4.04 -3.18
CA CYS A 93 18.92 2.80 -2.43
C CYS A 93 19.38 1.63 -3.30
N THR A 94 19.27 1.80 -4.61
CA THR A 94 19.68 0.77 -5.54
C THR A 94 19.61 1.41 -6.91
N ARG A 95 20.31 0.81 -7.84
CA ARG A 95 20.37 1.28 -9.20
C ARG A 95 19.05 0.87 -9.85
N LEU A 96 18.62 1.60 -10.87
CA LEU A 96 17.33 1.31 -11.50
C LEU A 96 17.56 0.22 -12.50
N SER A 97 16.54 -0.60 -12.71
CA SER A 97 16.67 -1.70 -13.64
C SER A 97 16.50 -1.24 -15.10
N ARG A 98 15.52 -1.82 -15.78
CA ARG A 98 15.26 -1.54 -17.20
C ARG A 98 16.57 -1.80 -17.97
N GLN B 2 7.26 9.29 4.11
CA GLN B 2 7.03 10.03 2.88
C GLN B 2 8.24 9.94 1.87
N PM3 B 3 9.12 10.96 1.82
CA PM3 B 3 10.28 11.02 0.87
CB PM3 B 3 10.35 12.39 0.15
CG PM3 B 3 9.23 12.61 -0.84
CD1 PM3 B 3 9.14 11.84 -2.00
CE1 PM3 B 3 8.05 11.93 -2.86
CD2 PM3 B 3 8.20 13.50 -0.57
CE2 PM3 B 3 7.11 13.60 -1.41
CZ PM3 B 3 7.03 12.82 -2.56
CH4 PM3 B 3 5.81 12.92 -3.53
P PM3 B 3 4.37 12.03 -3.02
O1 PM3 B 3 4.12 12.58 -1.71
O2 PM3 B 3 4.85 10.67 -3.03
O3 PM3 B 3 3.22 12.03 -3.95
C PM3 B 3 11.69 10.65 1.33
O PM3 B 3 12.16 11.09 2.37
N GLU B 4 12.43 10.06 0.41
CA GLU B 4 13.81 9.62 0.67
C GLU B 4 14.86 10.72 0.53
N GLU B 5 15.67 10.87 1.57
CA GLU B 5 16.73 11.87 1.65
C GLU B 5 18.04 11.43 1.00
N ILE B 6 18.33 11.97 -0.17
CA ILE B 6 19.55 11.67 -0.93
C ILE B 6 20.47 12.89 -0.93
N PRO B 7 21.69 12.78 -0.36
CA PRO B 7 22.62 13.93 -0.34
C PRO B 7 23.30 14.15 -1.69
N GLY C 1 -11.32 6.49 11.61
CA GLY C 1 -10.41 6.42 12.75
C GLY C 1 -10.40 5.04 13.39
N SER C 2 -9.86 4.92 14.61
CA SER C 2 -9.79 3.65 15.32
C SER C 2 -9.74 2.48 14.38
N TRP C 3 -10.91 1.96 14.02
CA TRP C 3 -10.94 0.82 13.12
C TRP C 3 -11.18 1.00 11.63
N PHE C 4 -11.76 2.13 11.21
CA PHE C 4 -12.01 2.33 9.77
C PHE C 4 -10.86 3.07 9.06
N PHE C 5 -10.36 2.51 7.96
CA PHE C 5 -9.26 3.13 7.23
C PHE C 5 -9.52 3.17 5.75
N LYS C 6 -9.26 4.32 5.17
CA LYS C 6 -9.41 4.47 3.73
C LYS C 6 -8.00 4.51 3.13
N ASN C 7 -7.86 3.98 1.91
CA ASN C 7 -6.56 3.99 1.21
C ASN C 7 -5.47 3.21 1.94
N LEU C 8 -5.78 1.95 2.28
CA LEU C 8 -4.84 1.09 3.00
C LEU C 8 -4.92 -0.21 2.28
N SER C 9 -3.83 -0.56 1.60
CA SER C 9 -3.80 -1.82 0.87
C SER C 9 -3.69 -2.97 1.89
N ARG C 10 -3.72 -4.19 1.35
CA ARG C 10 -3.58 -5.41 2.12
C ARG C 10 -2.28 -5.37 2.94
N LYS C 11 -1.17 -5.09 2.26
CA LYS C 11 0.14 -5.02 2.89
C LYS C 11 0.27 -3.90 3.87
N ASP C 12 -0.48 -2.83 3.71
CA ASP C 12 -0.33 -1.76 4.69
C ASP C 12 -1.08 -2.08 5.97
N ALA C 13 -2.16 -2.83 5.82
CA ALA C 13 -2.99 -3.25 6.96
C ALA C 13 -2.19 -4.29 7.77
N GLU C 14 -1.58 -5.23 7.07
CA GLU C 14 -0.76 -6.25 7.71
C GLU C 14 0.33 -5.67 8.57
N ARG C 15 1.06 -4.68 8.03
CA ARG C 15 2.14 -3.99 8.72
C ARG C 15 1.63 -3.28 9.95
N GLN C 16 0.45 -2.72 9.80
CA GLN C 16 -0.21 -2.00 10.90
C GLN C 16 -0.69 -2.96 12.01
N LEU C 17 -1.35 -4.03 11.58
CA LEU C 17 -1.88 -5.00 12.49
C LEU C 17 -0.77 -5.76 13.25
N LEU C 18 0.27 -6.15 12.50
CA LEU C 18 1.41 -6.86 13.05
C LEU C 18 2.32 -6.05 13.94
N ALA C 19 1.97 -4.80 14.20
CA ALA C 19 2.83 -3.98 15.03
C ALA C 19 2.64 -4.36 16.49
N PRO C 20 3.65 -4.05 17.33
CA PRO C 20 3.77 -4.29 18.76
C PRO C 20 2.59 -4.30 19.72
N GLY C 21 1.79 -3.23 19.79
CA GLY C 21 0.69 -3.23 20.75
C GLY C 21 -0.58 -4.01 20.42
N ASN C 22 -0.59 -4.61 19.23
CA ASN C 22 -1.74 -5.34 18.78
C ASN C 22 -1.70 -6.77 19.24
N THR C 23 -2.89 -7.37 19.32
CA THR C 23 -3.05 -8.72 19.80
C THR C 23 -3.96 -9.47 18.85
N HIS C 24 -4.23 -10.74 19.15
CA HIS C 24 -5.13 -11.51 18.30
C HIS C 24 -6.45 -10.82 18.40
N GLY C 25 -7.17 -10.76 17.30
CA GLY C 25 -8.45 -10.07 17.30
C GLY C 25 -8.30 -8.61 16.91
N SER C 26 -7.10 -8.04 16.97
CA SER C 26 -6.88 -6.66 16.56
C SER C 26 -7.26 -6.67 15.10
N PHE C 27 -8.05 -5.70 14.67
CA PHE C 27 -8.56 -5.66 13.29
C PHE C 27 -8.67 -4.22 12.76
N LEU C 28 -9.07 -4.13 11.50
CA LEU C 28 -9.37 -2.86 10.87
C LEU C 28 -10.20 -3.15 9.64
N ILE C 29 -11.11 -2.23 9.31
CA ILE C 29 -11.90 -2.35 8.08
C ILE C 29 -11.23 -1.33 7.16
N ARG C 30 -10.87 -1.75 5.96
CA ARG C 30 -10.21 -0.81 5.09
C ARG C 30 -11.00 -0.66 3.80
N GLU C 31 -11.01 0.57 3.28
CA GLU C 31 -11.71 0.80 2.02
C GLU C 31 -10.74 0.81 0.84
N SER C 32 -11.19 0.18 -0.23
CA SER C 32 -10.42 0.08 -1.45
C SER C 32 -10.20 1.48 -2.09
N GLU C 33 -8.98 1.72 -2.60
CA GLU C 33 -8.69 3.02 -3.25
C GLU C 33 -9.14 3.05 -4.74
N SER C 34 -8.84 2.01 -5.51
CA SER C 34 -9.27 1.97 -6.92
C SER C 34 -10.76 1.65 -7.04
N THR C 35 -11.40 1.27 -5.93
CA THR C 35 -12.80 0.89 -5.93
C THR C 35 -13.48 1.29 -4.65
N ALA C 36 -14.12 2.44 -4.66
CA ALA C 36 -14.84 2.89 -3.47
C ALA C 36 -16.03 1.97 -3.26
N GLY C 37 -16.33 1.74 -1.98
CA GLY C 37 -17.44 0.90 -1.62
C GLY C 37 -17.11 -0.59 -1.62
N SER C 38 -15.83 -0.93 -1.71
CA SER C 38 -15.42 -2.33 -1.66
C SER C 38 -14.61 -2.36 -0.38
N PHE C 39 -15.14 -3.02 0.64
CA PHE C 39 -14.44 -3.08 1.92
C PHE C 39 -13.81 -4.43 2.29
N SER C 40 -12.85 -4.37 3.20
CA SER C 40 -12.17 -5.58 3.65
C SER C 40 -11.93 -5.57 5.12
N LEU C 41 -12.22 -6.69 5.77
CA LEU C 41 -11.92 -6.80 7.20
C LEU C 41 -10.53 -7.46 7.32
N SER C 42 -9.63 -6.88 8.10
CA SER C 42 -8.30 -7.47 8.29
C SER C 42 -8.11 -7.75 9.78
N VAL C 43 -7.85 -9.00 10.15
CA VAL C 43 -7.68 -9.38 11.58
C VAL C 43 -6.29 -10.01 11.84
N ARG C 44 -5.69 -9.68 12.98
CA ARG C 44 -4.43 -10.27 13.41
C ARG C 44 -4.76 -11.59 14.13
N ASP C 45 -4.11 -12.68 13.72
CA ASP C 45 -4.37 -13.96 14.31
C ASP C 45 -3.10 -14.84 14.45
N PHE C 46 -3.28 -16.11 14.77
CA PHE C 46 -2.15 -17.01 14.93
C PHE C 46 -2.30 -18.28 14.12
N ASP C 47 -1.23 -18.60 13.42
CA ASP C 47 -1.17 -19.78 12.59
C ASP C 47 -0.12 -20.69 13.22
N GLN C 48 -0.47 -21.95 13.50
CA GLN C 48 0.43 -22.89 14.13
C GLN C 48 1.73 -23.04 13.37
N ASN C 49 1.68 -22.77 12.07
CA ASN C 49 2.88 -22.86 11.25
C ASN C 49 3.65 -21.56 11.06
N GLN C 50 2.94 -20.47 10.73
CA GLN C 50 3.60 -19.22 10.46
C GLN C 50 3.75 -18.25 11.63
N GLY C 51 2.96 -18.43 12.67
CA GLY C 51 3.07 -17.51 13.79
C GLY C 51 2.02 -16.45 13.58
N GLU C 52 2.28 -15.24 14.08
CA GLU C 52 1.35 -14.13 13.92
C GLU C 52 1.08 -13.81 12.46
N VAL C 53 -0.17 -13.99 12.02
CA VAL C 53 -0.56 -13.67 10.66
C VAL C 53 -1.69 -12.64 10.68
N VAL C 54 -2.07 -12.17 9.50
CA VAL C 54 -3.17 -11.23 9.39
C VAL C 54 -4.10 -11.86 8.34
N LYS C 55 -5.34 -12.06 8.76
CA LYS C 55 -6.32 -12.67 7.87
C LYS C 55 -7.26 -11.65 7.28
N HIS C 56 -7.54 -11.82 6.00
CA HIS C 56 -8.38 -10.90 5.25
C HIS C 56 -9.73 -11.45 4.78
N TYR C 57 -10.81 -10.80 5.20
CA TYR C 57 -12.14 -11.25 4.77
C TYR C 57 -12.80 -10.15 3.94
N LYS C 58 -13.30 -10.52 2.77
CA LYS C 58 -14.03 -9.59 1.89
C LYS C 58 -15.45 -9.21 2.43
N ILE C 59 -15.77 -7.93 2.56
CA ILE C 59 -17.12 -7.56 3.00
C ILE C 59 -17.99 -7.45 1.72
N ARG C 60 -19.03 -8.25 1.68
CA ARG C 60 -19.92 -8.23 0.51
C ARG C 60 -20.98 -7.12 0.66
N ASN C 61 -21.36 -6.52 -0.46
CA ASN C 61 -22.33 -5.46 -0.40
C ASN C 61 -23.75 -5.94 -0.68
N LEU C 62 -24.69 -5.50 0.13
CA LEU C 62 -26.08 -5.86 -0.11
C LEU C 62 -26.65 -4.75 -1.03
N ASP C 63 -27.57 -5.10 -1.94
CA ASP C 63 -28.18 -4.12 -2.83
C ASP C 63 -28.89 -2.98 -2.10
N ASN C 64 -29.42 -3.26 -0.91
CA ASN C 64 -30.12 -2.25 -0.13
C ASN C 64 -29.18 -1.38 0.71
N GLY C 65 -27.89 -1.58 0.51
CA GLY C 65 -26.91 -0.79 1.22
C GLY C 65 -26.19 -1.46 2.39
N GLY C 66 -26.70 -2.57 2.92
CA GLY C 66 -26.04 -3.21 4.05
C GLY C 66 -24.87 -4.06 3.60
N PHE C 67 -24.24 -4.71 4.56
CA PHE C 67 -23.08 -5.54 4.26
C PHE C 67 -23.16 -6.92 4.92
N TYR C 68 -22.19 -7.77 4.62
CA TYR C 68 -22.11 -9.08 5.22
C TYR C 68 -20.85 -9.83 4.82
N ILE C 69 -20.31 -10.63 5.74
CA ILE C 69 -19.15 -11.47 5.41
C ILE C 69 -19.63 -12.90 5.13
N SER C 70 -20.59 -13.35 5.93
CA SER C 70 -21.15 -14.68 5.76
C SER C 70 -22.62 -14.50 5.44
N PRO C 71 -23.18 -15.36 4.54
CA PRO C 71 -24.58 -15.33 4.10
C PRO C 71 -25.56 -15.56 5.24
N ARG C 72 -25.08 -16.13 6.34
CA ARG C 72 -25.90 -16.42 7.52
C ARG C 72 -26.40 -15.18 8.28
N ILE C 73 -25.72 -14.06 8.11
CA ILE C 73 -26.13 -12.86 8.83
C ILE C 73 -25.64 -11.63 8.07
N THR C 74 -26.53 -10.65 7.94
CA THR C 74 -26.23 -9.44 7.20
C THR C 74 -26.48 -8.30 8.15
N PHE C 75 -25.95 -7.13 7.80
CA PHE C 75 -26.03 -5.95 8.66
C PHE C 75 -26.37 -4.76 7.79
N PRO C 76 -26.86 -3.70 8.42
CA PRO C 76 -27.21 -2.47 7.72
C PRO C 76 -25.99 -1.55 7.61
N GLY C 77 -25.07 -1.67 8.55
CA GLY C 77 -23.90 -0.82 8.51
C GLY C 77 -22.67 -1.57 8.94
N LEU C 78 -21.52 -0.91 8.90
CA LEU C 78 -20.24 -1.51 9.27
C LEU C 78 -20.11 -1.51 10.78
N HIS C 79 -20.70 -0.54 11.45
CA HIS C 79 -20.70 -0.46 12.92
C HIS C 79 -21.39 -1.68 13.54
N GLU C 80 -22.44 -2.15 12.89
CA GLU C 80 -23.23 -3.30 13.30
C GLU C 80 -22.44 -4.56 13.00
N LEU C 81 -21.76 -4.57 11.86
CA LEU C 81 -20.93 -5.70 11.49
C LEU C 81 -19.80 -5.88 12.54
N VAL C 82 -19.21 -4.77 12.96
CA VAL C 82 -18.12 -4.76 13.93
C VAL C 82 -18.58 -5.16 15.34
N ARG C 83 -19.67 -4.56 15.80
CA ARG C 83 -20.27 -4.82 17.10
C ARG C 83 -20.63 -6.30 17.18
N HIS C 84 -21.10 -6.89 16.10
CA HIS C 84 -21.43 -8.30 16.12
C HIS C 84 -20.20 -9.20 16.36
N TYR C 85 -19.16 -9.02 15.54
CA TYR C 85 -17.98 -9.83 15.62
C TYR C 85 -17.06 -9.52 16.78
N THR C 86 -17.40 -8.53 17.57
CA THR C 86 -16.60 -8.19 18.73
C THR C 86 -17.24 -8.95 19.91
N ASN C 87 -18.47 -9.40 19.73
CA ASN C 87 -19.16 -10.13 20.79
C ASN C 87 -19.27 -11.61 20.51
N ALA C 88 -18.74 -12.03 19.37
CA ALA C 88 -18.78 -13.41 18.98
C ALA C 88 -17.99 -13.46 17.72
N SER C 89 -17.18 -14.51 17.58
CA SER C 89 -16.38 -14.68 16.39
C SER C 89 -17.28 -15.13 15.24
N ASP C 90 -18.28 -15.92 15.57
CA ASP C 90 -19.29 -16.40 14.60
C ASP C 90 -18.74 -16.81 13.21
N GLY C 91 -17.69 -17.63 13.17
CA GLY C 91 -17.16 -18.04 11.90
C GLY C 91 -15.80 -17.43 11.64
N LEU C 92 -15.59 -16.25 12.18
CA LEU C 92 -14.31 -15.59 12.01
C LEU C 92 -13.25 -16.40 12.76
N CYS C 93 -11.99 -16.25 12.32
CA CYS C 93 -10.90 -16.96 12.96
C CYS C 93 -10.84 -16.57 14.45
N THR C 94 -11.28 -15.36 14.76
CA THR C 94 -11.28 -14.91 16.13
C THR C 94 -12.23 -13.73 16.27
N ARG C 95 -12.65 -13.54 17.52
CA ARG C 95 -13.53 -12.46 17.88
C ARG C 95 -12.59 -11.25 17.81
N LEU C 96 -13.09 -10.13 17.29
CA LEU C 96 -12.31 -8.91 17.17
C LEU C 96 -12.22 -8.23 18.51
N SER C 97 -11.12 -7.53 18.76
CA SER C 97 -10.99 -6.80 20.02
C SER C 97 -11.08 -5.29 19.85
N ARG C 98 -12.18 -4.74 20.40
CA ARG C 98 -12.45 -3.31 20.36
C ARG C 98 -13.83 -3.03 20.93
N GLN D 2 -5.55 -15.48 -0.53
CA GLN D 2 -6.08 -14.11 -0.59
C GLN D 2 -7.08 -13.86 0.53
N PM3 D 3 -8.38 -14.07 0.25
CA PM3 D 3 -9.44 -13.83 1.26
CB PM3 D 3 -10.63 -13.07 0.67
CG PM3 D 3 -10.32 -11.64 0.32
CD1 PM3 D 3 -10.06 -10.70 1.31
CE1 PM3 D 3 -9.77 -9.36 0.98
CD2 PM3 D 3 -10.28 -11.22 -1.01
CE2 PM3 D 3 -9.99 -9.88 -1.36
CZ PM3 D 3 -9.73 -8.96 -0.37
CH4 PM3 D 3 -9.42 -7.61 -0.93
P PM3 D 3 -7.65 -7.26 -0.85
O1 PM3 D 3 -7.09 -8.11 -1.94
O2 PM3 D 3 -7.10 -7.59 0.45
O3 PM3 D 3 -7.33 -5.80 -1.02
C PM3 D 3 -9.93 -15.09 1.98
O PM3 D 3 -10.19 -16.12 1.36
N GLU D 4 -10.16 -14.96 3.27
CA GLU D 4 -10.62 -16.05 4.08
C GLU D 4 -12.06 -16.27 3.82
N GLU D 5 -12.43 -17.53 3.60
CA GLU D 5 -13.83 -17.85 3.40
C GLU D 5 -14.44 -18.17 4.77
N ILE D 6 -15.73 -17.84 4.91
CA ILE D 6 -16.47 -18.07 6.14
C ILE D 6 -17.79 -18.73 5.74
N PRO D 7 -18.13 -19.84 6.41
CA PRO D 7 -19.34 -20.63 6.17
C PRO D 7 -20.65 -19.79 6.32
#